data_8R7Z
#
_entry.id   8R7Z
#
_cell.length_a   159.955
_cell.length_b   159.955
_cell.length_c   159.955
_cell.angle_alpha   90.00
_cell.angle_beta   90.00
_cell.angle_gamma   90.00
#
_symmetry.space_group_name_H-M   'I 21 3'
#
loop_
_entity.id
_entity.type
_entity.pdbx_description
1 polymer 'BarH-like 2 homeobox protein'
2 polymer "DNA (5'-D(P*CP*TP*AP*AP*AP*CP*GP*GP*T)-3')"
3 polymer "DNA (5'-D(P*AP*CP*CP*GP*TP*TP*TP*AP*G)-3')"
4 polymer "DNA (5'-D(P*CP*TP*AP*AP*TP*TP*GP*CP*TP*AP*CP*CP*GP*TP*TP*TP*AP*G)-3')"
5 polymer "DNA (5'-D(P*CP*TP*AP*AP*AP*CP*GP*GP*TP*AP*GP*CP*AP*AP*TP*TP*AP*G)-3')"
6 non-polymer 'SODIUM ION'
7 water water
#
loop_
_entity_poly.entity_id
_entity_poly.type
_entity_poly.pdbx_seq_one_letter_code
_entity_poly.pdbx_strand_id
1 'polypeptide(L)' PRKARTAFSDHQLNQLERSFERQKYLSVQDRMDLAAALNLTDTQVKTWYQNRRTKWKRQT E,A,G,K
2 'polydeoxyribonucleotide' (DC)(DT)(DA)(DA)(DA)(DC)(DG)(DG)(DT) D
3 'polydeoxyribonucleotide' (DA)(DC)(DC)(DG)(DT)(DT)(DT)(DA)(DG) B
4 'polydeoxyribonucleotide' (DC)(DT)(DA)(DA)(DT)(DT)(DG)(DC)(DT)(DA)(DC)(DC)(DG)(DT)(DT)(DT)(DA)(DG) H
5 'polydeoxyribonucleotide' (DC)(DT)(DA)(DA)(DA)(DC)(DG)(DG)(DT)(DA)(DG)(DC)(DA)(DA)(DT)(DT)(DA)(DG) I
#
loop_
_chem_comp.id
_chem_comp.type
_chem_comp.name
_chem_comp.formula
DA DNA linking 2'-DEOXYADENOSINE-5'-MONOPHOSPHATE 'C10 H14 N5 O6 P'
DC DNA linking 2'-DEOXYCYTIDINE-5'-MONOPHOSPHATE 'C9 H14 N3 O7 P'
DG DNA linking 2'-DEOXYGUANOSINE-5'-MONOPHOSPHATE 'C10 H14 N5 O7 P'
DT DNA linking THYMIDINE-5'-MONOPHOSPHATE 'C10 H15 N2 O8 P'
NA non-polymer 'SODIUM ION' 'Na 1'
#
# COMPACT_ATOMS: atom_id res chain seq x y z
N PRO A 1 23.59 8.33 15.92
CA PRO A 1 22.53 7.71 16.70
C PRO A 1 21.61 8.78 17.33
N ARG A 2 20.55 9.13 16.58
CA ARG A 2 19.63 10.21 16.94
C ARG A 2 18.88 9.85 18.23
N LYS A 3 18.53 10.85 19.05
CA LYS A 3 17.58 10.66 20.14
C LYS A 3 16.20 10.29 19.57
N ALA A 4 15.53 9.34 20.23
CA ALA A 4 14.29 8.78 19.71
C ALA A 4 13.23 9.87 19.75
N ARG A 5 12.47 10.00 18.64
CA ARG A 5 11.54 11.12 18.53
C ARG A 5 10.38 10.97 19.51
N THR A 6 10.11 12.04 20.27
CA THR A 6 9.09 11.95 21.30
C THR A 6 7.71 12.02 20.66
N ALA A 7 6.77 11.30 21.27
CA ALA A 7 5.37 11.48 20.90
C ALA A 7 4.62 11.98 22.10
N PHE A 8 4.06 13.18 22.00
CA PHE A 8 3.43 13.77 23.15
C PHE A 8 1.98 13.33 23.23
N SER A 9 1.53 13.10 24.45
CA SER A 9 0.15 12.84 24.69
C SER A 9 -0.62 14.10 24.33
N ASP A 10 -1.87 13.92 23.88
CA ASP A 10 -2.78 15.02 23.69
C ASP A 10 -2.69 15.90 24.93
N HIS A 11 -2.83 15.27 26.10
CA HIS A 11 -2.86 16.07 27.30
C HIS A 11 -1.58 16.85 27.53
N GLN A 12 -0.48 16.23 27.21
CA GLN A 12 0.77 16.93 27.37
C GLN A 12 0.74 18.19 26.51
N LEU A 13 0.55 17.98 25.21
CA LEU A 13 0.50 19.10 24.30
C LEU A 13 -0.36 20.17 24.94
N ASN A 14 -1.60 19.77 25.24
CA ASN A 14 -2.62 20.69 25.69
C ASN A 14 -2.04 21.61 26.76
N GLN A 15 -1.40 21.00 27.76
CA GLN A 15 -0.92 21.70 28.94
C GLN A 15 0.35 22.47 28.61
N LEU A 16 1.14 21.97 27.66
CA LEU A 16 2.29 22.72 27.16
C LEU A 16 1.78 24.04 26.59
N GLU A 17 0.93 23.92 25.57
CA GLU A 17 0.42 25.06 24.84
C GLU A 17 -0.18 26.06 25.81
N ARG A 18 -0.92 25.55 26.80
CA ARG A 18 -1.49 26.38 27.83
C ARG A 18 -0.36 27.15 28.50
N SER A 19 0.72 26.47 28.85
CA SER A 19 1.86 27.15 29.46
C SER A 19 2.32 28.27 28.54
N PHE A 20 2.57 27.92 27.29
CA PHE A 20 3.16 28.83 26.34
C PHE A 20 2.35 30.10 26.22
N GLU A 21 1.03 29.94 26.30
CA GLU A 21 0.11 31.06 26.27
C GLU A 21 0.40 31.96 27.48
N ARG A 22 0.47 31.35 28.67
CA ARG A 22 0.60 32.12 29.90
C ARG A 22 1.96 32.82 29.88
N GLN A 23 3.01 32.06 29.52
CA GLN A 23 4.37 32.57 29.54
C GLN A 23 5.13 31.97 28.37
N LYS A 24 5.72 32.86 27.56
CA LYS A 24 6.46 32.47 26.36
C LYS A 24 7.87 32.01 26.69
N TYR A 25 8.33 32.24 27.94
CA TYR A 25 9.67 31.89 28.38
C TYR A 25 9.63 31.49 29.85
N LEU A 26 10.24 30.37 30.23
CA LEU A 26 10.08 29.84 31.58
C LEU A 26 11.38 29.95 32.34
N SER A 27 11.33 30.33 33.63
CA SER A 27 12.48 30.20 34.50
C SER A 27 12.93 28.74 34.48
N VAL A 28 14.07 28.43 35.08
CA VAL A 28 14.53 27.05 35.06
C VAL A 28 13.61 26.24 35.99
N GLN A 29 13.26 26.83 37.14
CA GLN A 29 12.37 26.20 38.10
C GLN A 29 11.01 25.97 37.47
N ASP A 30 10.51 26.94 36.71
CA ASP A 30 9.22 26.83 36.05
C ASP A 30 9.26 25.68 35.05
N ARG A 31 10.37 25.59 34.31
CA ARG A 31 10.55 24.54 33.33
C ARG A 31 10.51 23.20 34.04
N MET A 32 11.27 23.09 35.13
CA MET A 32 11.37 21.84 35.87
C MET A 32 10.00 21.42 36.38
N ASP A 33 9.26 22.34 36.99
CA ASP A 33 7.98 22.00 37.59
C ASP A 33 7.11 21.43 36.47
N LEU A 34 7.05 22.15 35.35
CA LEU A 34 6.22 21.75 34.24
C LEU A 34 6.63 20.36 33.75
N ALA A 35 7.94 20.11 33.70
CA ALA A 35 8.43 18.85 33.18
C ALA A 35 7.89 17.77 34.08
N ALA A 36 7.94 18.01 35.38
CA ALA A 36 7.50 17.03 36.35
C ALA A 36 6.02 16.77 36.19
N ALA A 37 5.25 17.86 36.21
CA ALA A 37 3.81 17.80 36.13
C ALA A 37 3.34 17.03 34.90
N LEU A 38 4.11 17.12 33.82
CA LEU A 38 3.76 16.48 32.57
C LEU A 38 4.50 15.18 32.39
N ASN A 39 5.33 14.81 33.37
CA ASN A 39 6.20 13.65 33.27
C ASN A 39 6.98 13.71 31.97
N LEU A 40 7.73 14.81 31.80
CA LEU A 40 8.67 14.98 30.71
C LEU A 40 10.03 15.37 31.29
N THR A 41 11.06 15.29 30.43
CA THR A 41 12.40 15.72 30.77
C THR A 41 12.42 17.25 30.74
N ASP A 42 13.38 17.82 31.48
CA ASP A 42 13.62 19.23 31.37
C ASP A 42 13.78 19.51 29.88
N THR A 43 14.76 18.84 29.31
CA THR A 43 15.14 18.96 27.91
C THR A 43 13.95 18.76 26.98
N GLN A 44 13.04 17.87 27.33
CA GLN A 44 11.87 17.63 26.50
C GLN A 44 11.12 18.94 26.36
N VAL A 45 10.80 19.49 27.54
CA VAL A 45 10.03 20.71 27.62
C VAL A 45 10.82 21.82 26.98
N LYS A 46 12.11 21.89 27.31
CA LYS A 46 12.97 22.96 26.82
C LYS A 46 12.88 23.06 25.30
N THR A 47 13.26 21.98 24.61
CA THR A 47 13.18 21.93 23.16
C THR A 47 11.76 22.29 22.70
N TRP A 48 10.74 21.71 23.35
CA TRP A 48 9.38 22.00 22.93
C TRP A 48 9.10 23.50 22.90
N TYR A 49 9.46 24.16 24.01
CA TYR A 49 9.29 25.59 24.15
C TYR A 49 10.07 26.35 23.07
N GLN A 50 11.22 25.83 22.67
CA GLN A 50 11.98 26.50 21.64
C GLN A 50 11.19 26.44 20.34
N ASN A 51 11.01 25.23 19.80
CA ASN A 51 10.35 25.11 18.52
C ASN A 51 9.04 25.89 18.54
N ARG A 52 8.39 25.91 19.71
CA ARG A 52 7.14 26.63 19.89
C ARG A 52 7.35 28.12 19.62
N ARG A 53 8.25 28.78 20.35
CA ARG A 53 8.60 30.16 20.02
C ARG A 53 8.94 30.28 18.55
N THR A 54 9.71 29.31 18.03
CA THR A 54 10.21 29.38 16.68
C THR A 54 9.01 29.53 15.74
N LYS A 55 7.92 28.82 16.06
CA LYS A 55 6.69 28.84 15.26
C LYS A 55 5.92 30.14 15.51
N TRP A 56 5.85 30.52 16.77
CA TRP A 56 5.31 31.81 17.16
C TRP A 56 5.91 32.94 16.32
N LYS A 57 7.24 32.90 16.19
CA LYS A 57 7.95 33.95 15.49
C LYS A 57 7.55 33.92 14.02
N ARG A 58 7.03 32.78 13.55
CA ARG A 58 6.58 32.66 12.17
C ARG A 58 5.21 33.30 11.97
N GLN A 59 4.52 33.66 13.05
CA GLN A 59 3.28 34.42 12.93
C GLN A 59 3.58 35.91 13.06
N THR A 60 4.10 36.29 14.22
CA THR A 60 4.33 37.68 14.57
C THR A 60 4.83 38.47 13.35
N PRO D 1 -6.53 20.83 -4.81
CA PRO D 1 -6.74 21.43 -3.47
C PRO D 1 -6.46 20.38 -2.39
N ARG D 2 -5.19 20.24 -1.97
CA ARG D 2 -4.67 19.02 -1.35
C ARG D 2 -5.28 18.81 0.03
N LYS D 3 -5.56 17.55 0.38
CA LYS D 3 -6.40 17.27 1.54
C LYS D 3 -5.60 17.54 2.82
N ALA D 4 -6.26 18.18 3.81
CA ALA D 4 -5.57 18.52 5.04
C ALA D 4 -5.24 17.22 5.79
N ARG D 5 -4.00 17.14 6.29
CA ARG D 5 -3.53 15.93 6.94
C ARG D 5 -4.33 15.63 8.21
N THR D 6 -4.79 14.39 8.35
CA THR D 6 -5.56 14.02 9.52
C THR D 6 -4.63 13.83 10.71
N ALA D 7 -5.17 14.17 11.89
CA ALA D 7 -4.48 13.88 13.13
C ALA D 7 -5.39 12.97 13.92
N PHE D 8 -4.91 11.77 14.24
CA PHE D 8 -5.77 10.82 14.91
C PHE D 8 -5.65 11.02 16.41
N SER D 9 -6.78 10.92 17.08
CA SER D 9 -6.78 10.86 18.53
C SER D 9 -6.06 9.57 18.93
N ASP D 10 -5.42 9.63 20.11
CA ASP D 10 -4.85 8.43 20.69
C ASP D 10 -5.88 7.31 20.57
N HIS D 11 -7.08 7.61 21.02
CA HIS D 11 -8.08 6.56 21.08
C HIS D 11 -8.38 6.01 19.71
N GLN D 12 -8.40 6.89 18.72
CA GLN D 12 -8.71 6.43 17.39
C GLN D 12 -7.67 5.41 17.00
N LEU D 13 -6.41 5.86 17.02
CA LEU D 13 -5.32 4.98 16.68
C LEU D 13 -5.55 3.66 17.40
N ASN D 14 -5.63 3.75 18.73
CA ASN D 14 -5.75 2.58 19.56
C ASN D 14 -6.72 1.58 18.97
N GLN D 15 -7.94 2.05 18.66
CA GLN D 15 -9.03 1.21 18.20
C GLN D 15 -8.77 0.75 16.78
N LEU D 16 -8.11 1.59 15.96
CA LEU D 16 -7.72 1.18 14.63
C LEU D 16 -6.80 -0.03 14.75
N GLU D 17 -5.67 0.18 15.43
CA GLU D 17 -4.64 -0.83 15.53
C GLU D 17 -5.23 -2.12 16.07
N ARG D 18 -6.13 -1.98 17.07
CA ARG D 18 -6.86 -3.11 17.62
C ARG D 18 -7.56 -3.82 16.47
N SER D 19 -8.26 -3.06 15.60
CA SER D 19 -8.94 -3.65 14.47
C SER D 19 -7.94 -4.43 13.63
N PHE D 20 -6.87 -3.75 13.25
CA PHE D 20 -5.90 -4.32 12.32
C PHE D 20 -5.37 -5.65 12.83
N GLU D 21 -5.20 -5.74 14.16
CA GLU D 21 -4.76 -6.98 14.78
C GLU D 21 -5.84 -8.05 14.53
N ARG D 22 -7.10 -7.71 14.81
CA ARG D 22 -8.19 -8.68 14.74
C ARG D 22 -8.33 -9.13 13.29
N GLN D 23 -8.36 -8.17 12.36
CA GLN D 23 -8.51 -8.45 10.94
C GLN D 23 -7.67 -7.46 10.15
N LYS D 24 -6.83 -7.99 9.24
CA LYS D 24 -5.95 -7.18 8.44
C LYS D 24 -6.68 -6.58 7.24
N TYR D 25 -7.90 -7.03 6.94
CA TYR D 25 -8.67 -6.60 5.77
C TYR D 25 -10.15 -6.60 6.11
N LEU D 26 -10.87 -5.50 5.84
CA LEU D 26 -12.23 -5.34 6.37
C LEU D 26 -13.26 -5.43 5.26
N SER D 27 -14.39 -6.09 5.53
CA SER D 27 -15.55 -5.96 4.65
C SER D 27 -15.88 -4.48 4.53
N VAL D 28 -16.78 -4.13 3.62
CA VAL D 28 -17.12 -2.73 3.46
C VAL D 28 -17.95 -2.31 4.69
N GLN D 29 -18.84 -3.21 5.12
CA GLN D 29 -19.68 -2.97 6.28
C GLN D 29 -18.84 -2.79 7.53
N ASP D 30 -17.80 -3.62 7.68
CA ASP D 30 -16.89 -3.55 8.81
C ASP D 30 -16.19 -2.19 8.81
N ARG D 31 -15.72 -1.80 7.62
CA ARG D 31 -15.05 -0.53 7.47
C ARG D 31 -15.98 0.60 7.90
N MET D 32 -17.21 0.58 7.38
CA MET D 32 -18.17 1.64 7.63
C MET D 32 -18.49 1.74 9.11
N ASP D 33 -18.74 0.60 9.76
CA ASP D 33 -19.08 0.61 11.17
C ASP D 33 -17.94 1.30 11.91
N LEU D 34 -16.73 0.83 11.65
CA LEU D 34 -15.55 1.37 12.31
C LEU D 34 -15.44 2.88 12.10
N ALA D 35 -15.70 3.31 10.87
CA ALA D 35 -15.57 4.73 10.58
C ALA D 35 -16.51 5.49 11.48
N ALA D 36 -17.73 4.96 11.62
CA ALA D 36 -18.75 5.63 12.40
C ALA D 36 -18.31 5.68 13.86
N ALA D 37 -17.97 4.50 14.38
CA ALA D 37 -17.60 4.33 15.77
C ALA D 37 -16.47 5.26 16.17
N LEU D 38 -15.58 5.55 15.21
CA LEU D 38 -14.41 6.37 15.48
C LEU D 38 -14.63 7.79 15.00
N ASN D 39 -15.82 8.09 14.46
CA ASN D 39 -16.07 9.40 13.86
C ASN D 39 -14.97 9.72 12.85
N LEU D 40 -14.81 8.83 11.87
CA LEU D 40 -13.91 9.04 10.75
C LEU D 40 -14.69 8.80 9.47
N THR D 41 -14.09 9.21 8.35
CA THR D 41 -14.62 8.93 7.03
C THR D 41 -14.33 7.46 6.70
N ASP D 42 -15.15 6.90 5.79
CA ASP D 42 -14.82 5.59 5.26
C ASP D 42 -13.38 5.69 4.78
N THR D 43 -13.19 6.63 3.86
CA THR D 43 -11.91 6.84 3.20
C THR D 43 -10.79 7.07 4.23
N GLN D 44 -11.09 7.71 5.35
CA GLN D 44 -10.08 7.94 6.37
C GLN D 44 -9.57 6.57 6.83
N VAL D 45 -10.52 5.72 7.20
CA VAL D 45 -10.20 4.42 7.73
C VAL D 45 -9.52 3.62 6.64
N LYS D 46 -10.10 3.67 5.44
CA LYS D 46 -9.61 2.90 4.32
C LYS D 46 -8.13 3.16 4.11
N THR D 47 -7.76 4.44 3.87
CA THR D 47 -6.37 4.82 3.68
C THR D 47 -5.55 4.34 4.88
N TRP D 48 -6.03 4.56 6.11
CA TRP D 48 -5.28 4.15 7.27
C TRP D 48 -4.90 2.66 7.19
N TYR D 49 -5.91 1.83 6.90
CA TYR D 49 -5.74 0.38 6.77
C TYR D 49 -4.72 0.06 5.68
N GLN D 50 -4.67 0.87 4.62
CA GLN D 50 -3.73 0.61 3.56
C GLN D 50 -2.34 0.80 4.12
N ASN D 51 -2.01 2.05 4.45
CA ASN D 51 -0.68 2.38 4.92
C ASN D 51 -0.28 1.38 6.01
N ARG D 52 -1.26 0.96 6.83
CA ARG D 52 -1.03 0.01 7.90
C ARG D 52 -0.51 -1.31 7.35
N ARG D 53 -1.27 -1.97 6.47
CA ARG D 53 -0.74 -3.15 5.79
C ARG D 53 0.60 -2.84 5.15
N THR D 54 0.73 -1.65 4.52
CA THR D 54 1.93 -1.30 3.78
C THR D 54 3.11 -1.47 4.72
N LYS D 55 2.93 -1.01 5.98
CA LYS D 55 3.98 -1.04 6.99
C LYS D 55 4.17 -2.47 7.51
N TRP D 56 3.04 -3.15 7.75
CA TRP D 56 3.01 -4.57 8.07
C TRP D 56 3.91 -5.34 7.13
N LYS D 57 3.73 -5.09 5.83
CA LYS D 57 4.39 -5.89 4.83
C LYS D 57 5.87 -5.64 4.93
N ARG D 58 6.25 -4.48 5.48
CA ARG D 58 7.66 -4.15 5.54
C ARG D 58 8.31 -4.80 6.75
N GLN D 59 7.52 -5.40 7.65
CA GLN D 59 8.06 -6.19 8.75
C GLN D 59 8.12 -7.65 8.35
N THR D 60 6.95 -8.22 8.06
CA THR D 60 6.78 -9.66 7.90
C THR D 60 7.14 -10.05 6.47
N PRO E 1 -14.37 -1.76 -32.49
CA PRO E 1 -14.34 -2.74 -31.40
C PRO E 1 -14.67 -4.17 -31.83
N ARG E 2 -14.86 -5.05 -30.84
CA ARG E 2 -15.37 -6.41 -31.03
C ARG E 2 -14.31 -7.32 -31.65
N LYS E 3 -13.39 -7.84 -30.81
CA LYS E 3 -12.48 -8.90 -31.23
C LYS E 3 -13.27 -10.20 -31.42
N ALA E 4 -12.83 -10.97 -32.42
CA ALA E 4 -13.40 -12.28 -32.71
C ALA E 4 -13.21 -13.20 -31.50
N ARG E 5 -14.31 -13.88 -31.14
CA ARG E 5 -14.34 -14.89 -30.11
C ARG E 5 -13.36 -16.02 -30.41
N THR E 6 -12.54 -16.34 -29.41
CA THR E 6 -11.68 -17.51 -29.47
C THR E 6 -12.50 -18.78 -29.35
N ALA E 7 -12.00 -19.82 -30.01
CA ALA E 7 -12.43 -21.17 -29.75
C ALA E 7 -11.22 -21.94 -29.23
N PHE E 8 -11.35 -22.53 -28.06
CA PHE E 8 -10.22 -23.25 -27.47
C PHE E 8 -10.19 -24.68 -27.98
N SER E 9 -8.97 -25.18 -28.19
CA SER E 9 -8.80 -26.59 -28.48
C SER E 9 -9.33 -27.40 -27.31
N ASP E 10 -9.81 -28.60 -27.61
CA ASP E 10 -10.17 -29.58 -26.61
C ASP E 10 -9.06 -29.57 -25.56
N HIS E 11 -7.82 -29.75 -26.02
CA HIS E 11 -6.71 -29.91 -25.12
C HIS E 11 -6.57 -28.67 -24.25
N GLN E 12 -6.76 -27.50 -24.84
CA GLN E 12 -6.60 -26.29 -24.08
C GLN E 12 -7.59 -26.33 -22.93
N LEU E 13 -8.87 -26.43 -23.29
CA LEU E 13 -9.92 -26.50 -22.29
C LEU E 13 -9.47 -27.47 -21.20
N ASN E 14 -9.20 -28.71 -21.63
CA ASN E 14 -8.85 -29.78 -20.73
C ASN E 14 -7.87 -29.28 -19.66
N GLN E 15 -6.77 -28.67 -20.13
CA GLN E 15 -5.68 -28.27 -19.27
C GLN E 15 -6.04 -27.03 -18.47
N LEU E 16 -6.89 -26.16 -19.02
CA LEU E 16 -7.42 -25.04 -18.25
C LEU E 16 -8.15 -25.59 -17.04
N GLU E 17 -9.20 -26.39 -17.32
CA GLU E 17 -10.07 -26.91 -16.30
C GLU E 17 -9.23 -27.64 -15.23
N ARG E 18 -8.22 -28.40 -15.69
CA ARG E 18 -7.31 -29.08 -14.80
C ARG E 18 -6.68 -28.02 -13.89
N SER E 19 -6.21 -26.91 -14.45
CA SER E 19 -5.63 -25.85 -13.64
C SER E 19 -6.66 -25.41 -12.60
N PHE E 20 -7.85 -25.06 -13.07
CA PHE E 20 -8.87 -24.46 -12.24
C PHE E 20 -9.18 -25.35 -11.04
N GLU E 21 -9.14 -26.67 -11.26
CA GLU E 21 -9.33 -27.64 -10.22
C GLU E 21 -8.22 -27.47 -9.19
N ARG E 22 -6.96 -27.46 -9.66
CA ARG E 22 -5.83 -27.46 -8.75
C ARG E 22 -5.82 -26.13 -7.98
N GLN E 23 -6.02 -25.01 -8.69
CA GLN E 23 -6.05 -23.69 -8.08
C GLN E 23 -7.09 -22.83 -8.78
N LYS E 24 -7.98 -22.22 -8.00
CA LYS E 24 -9.07 -21.40 -8.51
C LYS E 24 -8.60 -19.98 -8.84
N TYR E 25 -7.38 -19.61 -8.42
CA TYR E 25 -6.83 -18.28 -8.62
C TYR E 25 -5.33 -18.38 -8.83
N LEU E 26 -4.82 -17.75 -9.90
CA LEU E 26 -3.43 -17.91 -10.27
C LEU E 26 -2.68 -16.61 -10.00
N SER E 27 -1.47 -16.71 -9.44
CA SER E 27 -0.56 -15.57 -9.40
C SER E 27 -0.39 -15.10 -10.84
N VAL E 28 0.29 -13.96 -11.01
CA VAL E 28 0.47 -13.47 -12.36
C VAL E 28 1.47 -14.38 -13.08
N GLN E 29 2.53 -14.80 -12.35
CA GLN E 29 3.54 -15.68 -12.89
C GLN E 29 2.93 -17.02 -13.28
N ASP E 30 2.03 -17.53 -12.43
CA ASP E 30 1.35 -18.80 -12.68
C ASP E 30 0.52 -18.67 -13.95
N ARG E 31 -0.18 -17.54 -14.07
CA ARG E 31 -1.03 -17.28 -15.22
C ARG E 31 -0.16 -17.28 -16.47
N MET E 32 0.96 -16.55 -16.43
CA MET E 32 1.83 -16.40 -17.59
C MET E 32 2.37 -17.75 -18.03
N ASP E 33 2.85 -18.54 -17.08
CA ASP E 33 3.44 -19.83 -17.41
C ASP E 33 2.37 -20.66 -18.13
N LEU E 34 1.18 -20.73 -17.52
CA LEU E 34 0.08 -21.48 -18.09
C LEU E 34 -0.24 -21.01 -19.51
N ALA E 35 -0.25 -19.69 -19.70
CA ALA E 35 -0.58 -19.13 -21.00
C ALA E 35 0.42 -19.67 -22.01
N ALA E 36 1.70 -19.69 -21.62
CA ALA E 36 2.76 -20.17 -22.49
C ALA E 36 2.55 -21.63 -22.82
N ALA E 37 2.41 -22.44 -21.77
CA ALA E 37 2.25 -23.88 -21.89
C ALA E 37 1.10 -24.25 -22.82
N LEU E 38 0.05 -23.42 -22.84
CA LEU E 38 -1.13 -23.67 -23.64
C LEU E 38 -1.11 -22.87 -24.94
N ASN E 39 -0.04 -22.11 -25.14
CA ASN E 39 0.05 -21.19 -26.26
C ASN E 39 -1.19 -20.32 -26.35
N LEU E 40 -1.46 -19.60 -25.26
CA LEU E 40 -2.53 -18.62 -25.19
C LEU E 40 -1.97 -17.32 -24.66
N THR E 41 -2.78 -16.24 -24.78
CA THR E 41 -2.43 -14.94 -24.24
C THR E 41 -2.65 -15.00 -22.72
N ASP E 42 -1.93 -14.12 -22.01
CA ASP E 42 -2.20 -13.91 -20.61
C ASP E 42 -3.71 -13.66 -20.53
N THR E 43 -4.12 -12.59 -21.22
CA THR E 43 -5.50 -12.12 -21.27
C THR E 43 -6.47 -13.27 -21.58
N GLN E 44 -6.07 -14.15 -22.50
CA GLN E 44 -6.94 -15.25 -22.89
C GLN E 44 -7.27 -16.06 -21.65
N VAL E 45 -6.19 -16.48 -20.98
CA VAL E 45 -6.30 -17.33 -19.82
C VAL E 45 -7.03 -16.55 -18.73
N LYS E 46 -6.63 -15.28 -18.54
CA LYS E 46 -7.18 -14.44 -17.49
C LYS E 46 -8.69 -14.44 -17.59
N THR E 47 -9.22 -13.96 -18.72
CA THR E 47 -10.66 -13.90 -18.94
C THR E 47 -11.27 -15.29 -18.71
N TRP E 48 -10.64 -16.34 -19.27
CA TRP E 48 -11.18 -17.68 -19.10
C TRP E 48 -11.39 -18.01 -17.62
N TYR E 49 -10.34 -17.77 -16.82
CA TYR E 49 -10.36 -18.01 -15.37
C TYR E 49 -11.47 -17.20 -14.72
N GLN E 50 -11.75 -16.00 -15.23
CA GLN E 50 -12.80 -15.19 -14.63
C GLN E 50 -14.12 -15.90 -14.86
N ASN E 51 -14.54 -15.98 -16.13
CA ASN E 51 -15.84 -16.57 -16.44
C ASN E 51 -15.96 -17.91 -15.74
N ARG E 52 -14.85 -18.63 -15.61
CA ARG E 52 -14.81 -19.93 -14.94
C ARG E 52 -15.26 -19.80 -13.49
N ARG E 53 -14.54 -18.98 -12.70
CA ARG E 53 -15.00 -18.69 -11.35
C ARG E 53 -16.47 -18.24 -11.38
N THR E 54 -16.82 -17.38 -12.35
CA THR E 54 -18.16 -16.80 -12.41
C THR E 54 -19.17 -17.94 -12.42
N LYS E 55 -18.86 -19.01 -13.17
CA LYS E 55 -19.74 -20.17 -13.30
C LYS E 55 -19.67 -21.03 -12.03
N TRP E 56 -18.45 -21.22 -11.52
CA TRP E 56 -18.22 -21.86 -10.24
C TRP E 56 -19.14 -21.28 -9.17
N LYS E 57 -19.19 -19.95 -9.13
CA LYS E 57 -19.95 -19.26 -8.10
C LYS E 57 -21.43 -19.56 -8.27
N ARG E 58 -21.82 -19.96 -9.48
CA ARG E 58 -23.22 -20.28 -9.73
C ARG E 58 -23.55 -21.69 -9.24
N GLN E 59 -22.55 -22.49 -8.87
CA GLN E 59 -22.79 -23.78 -8.25
C GLN E 59 -22.75 -23.62 -6.72
N THR E 60 -21.57 -23.22 -6.21
CA THR E 60 -21.26 -23.25 -4.80
C THR E 60 -21.77 -21.99 -4.14
N SER H 9 7.16 -6.45 -10.14
CA SER H 9 5.78 -6.08 -9.70
C SER H 9 4.78 -6.74 -10.63
N ASP H 10 3.60 -7.04 -10.11
CA ASP H 10 2.46 -7.41 -10.93
C ASP H 10 2.46 -6.57 -12.21
N HIS H 11 2.44 -5.25 -12.02
CA HIS H 11 2.30 -4.36 -13.16
C HIS H 11 3.46 -4.57 -14.12
N GLN H 12 4.64 -4.76 -13.58
CA GLN H 12 5.79 -4.89 -14.44
C GLN H 12 5.56 -6.10 -15.32
N LEU H 13 5.37 -7.26 -14.69
CA LEU H 13 5.09 -8.48 -15.42
C LEU H 13 4.10 -8.15 -16.52
N ASN H 14 2.93 -7.67 -16.07
CA ASN H 14 1.82 -7.40 -16.97
C ASN H 14 2.31 -6.75 -18.25
N GLN H 15 3.05 -5.64 -18.08
CA GLN H 15 3.46 -4.79 -19.19
C GLN H 15 4.60 -5.44 -19.97
N LEU H 16 5.43 -6.24 -19.28
CA LEU H 16 6.45 -7.01 -19.98
C LEU H 16 5.77 -7.95 -20.96
N GLU H 17 4.91 -8.82 -20.41
CA GLU H 17 4.24 -9.84 -21.19
C GLU H 17 3.52 -9.19 -22.36
N ARG H 18 2.88 -8.05 -22.09
CA ARG H 18 2.22 -7.29 -23.14
C ARG H 18 3.24 -6.97 -24.22
N SER H 19 4.43 -6.50 -23.84
CA SER H 19 5.46 -6.24 -24.83
C SER H 19 5.74 -7.51 -25.64
N PHE H 20 6.03 -8.59 -24.91
CA PHE H 20 6.46 -9.83 -25.52
C PHE H 20 5.47 -10.31 -26.56
N GLU H 21 4.19 -10.07 -26.28
CA GLU H 21 3.12 -10.42 -27.19
C GLU H 21 3.30 -9.59 -28.46
N ARG H 22 3.45 -8.26 -28.29
CA ARG H 22 3.48 -7.35 -29.42
C ARG H 22 4.72 -7.66 -30.26
N GLN H 23 5.87 -7.83 -29.61
CA GLN H 23 7.12 -8.16 -30.29
C GLN H 23 7.95 -9.10 -29.41
N LYS H 24 8.42 -10.21 -29.99
CA LYS H 24 9.18 -11.21 -29.26
C LYS H 24 10.66 -10.83 -29.13
N TYR H 25 11.10 -9.79 -29.87
CA TYR H 25 12.49 -9.36 -29.88
C TYR H 25 12.53 -7.84 -30.06
N LEU H 26 13.27 -7.13 -29.21
CA LEU H 26 13.23 -5.68 -29.20
C LEU H 26 14.55 -5.12 -29.70
N SER H 27 14.48 -4.07 -30.53
CA SER H 27 15.68 -3.29 -30.83
C SER H 27 16.27 -2.82 -29.51
N VAL H 28 17.46 -2.21 -29.57
CA VAL H 28 18.08 -1.75 -28.34
C VAL H 28 17.29 -0.53 -27.84
N GLN H 29 16.90 0.35 -28.77
CA GLN H 29 16.12 1.53 -28.45
C GLN H 29 14.78 1.13 -27.82
N ASP H 30 14.15 0.10 -28.39
CA ASP H 30 12.86 -0.39 -27.90
C ASP H 30 13.04 -0.91 -26.47
N ARG H 31 14.13 -1.66 -26.27
CA ARG H 31 14.42 -2.21 -24.97
C ARG H 31 14.58 -1.09 -23.96
N MET H 32 15.38 -0.07 -24.32
CA MET H 32 15.68 1.03 -23.42
C MET H 32 14.40 1.77 -23.04
N ASP H 33 13.56 2.07 -24.03
CA ASP H 33 12.35 2.82 -23.76
C ASP H 33 11.53 2.04 -22.74
N LEU H 34 11.33 0.74 -23.02
CA LEU H 34 10.56 -0.13 -22.17
C LEU H 34 11.13 -0.12 -20.75
N ALA H 35 12.46 -0.19 -20.64
CA ALA H 35 13.10 -0.25 -19.34
C ALA H 35 12.71 1.00 -18.57
N ALA H 36 12.73 2.15 -19.27
CA ALA H 36 12.43 3.42 -18.63
C ALA H 36 10.99 3.41 -18.15
N ALA H 37 10.08 3.10 -19.09
CA ALA H 37 8.65 3.12 -18.84
C ALA H 37 8.28 2.25 -17.65
N LEU H 38 9.03 1.16 -17.45
CA LEU H 38 8.75 0.20 -16.39
C LEU H 38 9.64 0.42 -15.19
N ASN H 39 10.50 1.44 -15.27
CA ASN H 39 11.46 1.71 -14.22
C ASN H 39 12.26 0.45 -13.93
N LEU H 40 12.89 -0.11 -14.98
CA LEU H 40 13.77 -1.25 -14.86
C LEU H 40 15.07 -0.96 -15.59
N THR H 41 16.08 -1.81 -15.36
CA THR H 41 17.35 -1.71 -16.05
C THR H 41 17.17 -2.25 -17.45
N ASP H 42 18.05 -1.81 -18.37
CA ASP H 42 18.11 -2.43 -19.67
C ASP H 42 18.24 -3.92 -19.41
N THR H 43 19.32 -4.27 -18.70
CA THR H 43 19.66 -5.66 -18.45
C THR H 43 18.52 -6.39 -17.75
N GLN H 44 17.75 -5.70 -16.91
CA GLN H 44 16.63 -6.35 -16.24
C GLN H 44 15.68 -6.88 -17.31
N VAL H 45 15.30 -5.95 -18.20
CA VAL H 45 14.35 -6.25 -19.25
C VAL H 45 14.97 -7.30 -20.16
N LYS H 46 16.25 -7.07 -20.53
CA LYS H 46 16.95 -7.94 -21.47
C LYS H 46 16.84 -9.38 -21.01
N THR H 47 17.37 -9.67 -19.81
CA THR H 47 17.34 -11.01 -19.25
C THR H 47 15.89 -11.51 -19.25
N TRP H 48 14.95 -10.68 -18.79
CA TRP H 48 13.56 -11.13 -18.72
C TRP H 48 13.09 -11.65 -20.07
N TYR H 49 13.34 -10.85 -21.12
CA TYR H 49 12.96 -11.20 -22.49
C TYR H 49 13.62 -12.50 -22.92
N GLN H 50 14.85 -12.74 -22.44
CA GLN H 50 15.53 -13.97 -22.83
C GLN H 50 14.76 -15.14 -22.24
N ASN H 51 14.80 -15.24 -20.91
CA ASN H 51 14.17 -16.36 -20.24
C ASN H 51 12.75 -16.54 -20.79
N ARG H 52 12.08 -15.43 -21.12
CA ARG H 52 10.74 -15.45 -21.67
C ARG H 52 10.70 -16.23 -22.98
N ARG H 53 11.47 -15.80 -23.98
CA ARG H 53 11.60 -16.59 -25.20
C ARG H 53 11.96 -18.04 -24.84
N THR H 54 12.89 -18.21 -23.90
CA THR H 54 13.39 -19.54 -23.56
C THR H 54 12.19 -20.42 -23.19
N LYS H 55 11.24 -19.85 -22.46
CA LYS H 55 10.03 -20.57 -22.03
C LYS H 55 9.10 -20.76 -23.22
N TRP H 56 9.13 -19.80 -24.16
CA TRP H 56 8.39 -19.90 -25.40
C TRP H 56 8.84 -21.13 -26.19
NA NA I . 14.34 36.30 27.35
#